data_4IZU
#
_entry.id   4IZU
#
_cell.length_a   76.102
_cell.length_b   115.452
_cell.length_c   65.933
_cell.angle_alpha   90.00
_cell.angle_beta   90.00
_cell.angle_gamma   90.00
#
_symmetry.space_group_name_H-M   'C 2 2 21'
#
loop_
_entity.id
_entity.type
_entity.pdbx_description
1 polymer Amidase
2 non-polymer PROPIONAMIDE
3 non-polymer prop-2-enamide
4 water water
#
_entity_poly.entity_id   1
_entity_poly.type   'polypeptide(L)'
_entity_poly.pdbx_seq_one_letter_code
;MGSSHHHHHHSSGLVPRGSHMRIALMQHTARPLDPQHNLDLIDDAAARASEQGAQLLLTPQLFGFGYVPSQICAQVSAEQ
VDAARSRLRGIARDRGIALVWSLPGPEGPEQRGITAELADEHGEVLASYQKVQLYGPEEKAAFVPGEQPPPVLSWGGRQL
SLLVCYDVEFPEMVRAAAARGAQLVLVPTALAGDETSVPGILLPARAVENGITLAYANHCGPEGGLVFDGGSVVVGPAGQ
PLGELGVEPGLLVVDLPDQSQDAGSDSADYLQDRRAELHRNWL
;
_entity_poly.pdbx_strand_id   A
#
loop_
_chem_comp.id
_chem_comp.type
_chem_comp.name
_chem_comp.formula
1HC non-polymer prop-2-enamide 'C3 H5 N O'
ROP non-polymer PROPIONAMIDE 'C3 H7 N O'
#
# COMPACT_ATOMS: atom_id res chain seq x y z
N HIS A 20 6.86 -20.18 4.99
CA HIS A 20 5.95 -20.00 6.14
C HIS A 20 5.11 -18.68 6.04
N MET A 21 5.31 -17.86 4.99
CA MET A 21 4.34 -16.70 4.87
C MET A 21 3.76 -16.64 3.43
N ARG A 22 2.43 -16.67 3.31
CA ARG A 22 1.75 -16.57 2.06
C ARG A 22 0.92 -15.27 2.08
N ILE A 23 1.16 -14.36 1.10
CA ILE A 23 0.44 -13.10 1.05
C ILE A 23 -0.40 -13.02 -0.21
N ALA A 24 -1.40 -12.14 -0.26
CA ALA A 24 -2.23 -11.92 -1.41
C ALA A 24 -2.24 -10.45 -1.71
N LEU A 25 -2.39 -10.10 -2.98
CA LEU A 25 -2.56 -8.71 -3.41
C LEU A 25 -3.81 -8.60 -4.26
N MET A 26 -4.69 -7.66 -3.94
CA MET A 26 -5.92 -7.44 -4.71
C MET A 26 -5.77 -6.29 -5.70
N GLN A 27 -5.85 -6.63 -6.99
CA GLN A 27 -5.76 -5.64 -8.09
C GLN A 27 -7.14 -5.57 -8.67
N HIS A 28 -7.76 -4.39 -8.64
CA HIS A 28 -9.12 -4.29 -9.21
C HIS A 28 -9.39 -2.82 -9.56
N THR A 29 -10.56 -2.55 -10.10
CA THR A 29 -10.99 -1.23 -10.43
C THR A 29 -11.97 -0.76 -9.39
N ALA A 30 -11.86 0.45 -8.87
CA ALA A 30 -12.84 1.00 -7.94
C ALA A 30 -13.80 1.90 -8.63
N ARG A 31 -14.94 2.10 -8.05
CA ARG A 31 -15.92 3.10 -8.53
C ARG A 31 -15.82 4.33 -7.67
N PRO A 32 -15.58 5.51 -8.28
CA PRO A 32 -15.51 6.69 -7.51
C PRO A 32 -16.68 6.93 -6.57
N LEU A 33 -16.42 7.18 -5.32
CA LEU A 33 -17.42 7.61 -4.32
C LEU A 33 -18.46 6.53 -4.09
N ASP A 34 -18.10 5.25 -4.28
CA ASP A 34 -19.08 4.13 -4.04
C ASP A 34 -18.42 3.11 -3.05
N PRO A 35 -18.31 3.48 -1.77
CA PRO A 35 -17.69 2.56 -0.83
C PRO A 35 -18.40 1.24 -0.65
N GLN A 36 -19.73 1.18 -0.81
CA GLN A 36 -20.31 -0.11 -0.58
CA GLN A 36 -20.35 -0.09 -0.63
C GLN A 36 -19.83 -1.03 -1.71
N HIS A 37 -19.79 -0.60 -2.95
CA HIS A 37 -19.29 -1.40 -4.05
C HIS A 37 -17.80 -1.77 -3.84
N ASN A 38 -16.97 -0.76 -3.45
CA ASN A 38 -15.47 -1.02 -3.44
C ASN A 38 -15.18 -1.91 -2.25
N LEU A 39 -15.84 -1.66 -1.12
CA LEU A 39 -15.53 -2.54 0.05
C LEU A 39 -16.10 -3.95 -0.14
N ASP A 40 -17.18 -4.09 -0.89
CA ASP A 40 -17.64 -5.43 -1.23
C ASP A 40 -16.62 -6.13 -2.08
N LEU A 41 -15.89 -5.45 -3.00
CA LEU A 41 -14.81 -6.10 -3.75
C LEU A 41 -13.68 -6.55 -2.81
N ILE A 42 -13.33 -5.70 -1.83
CA ILE A 42 -12.28 -6.09 -0.87
C ILE A 42 -12.71 -7.30 -0.04
N ASP A 43 -14.00 -7.33 0.39
CA ASP A 43 -14.56 -8.47 1.17
C ASP A 43 -14.42 -9.74 0.29
N ASP A 44 -14.78 -9.68 -0.97
CA ASP A 44 -14.70 -10.83 -1.79
C ASP A 44 -13.27 -11.32 -1.94
N ALA A 45 -12.30 -10.38 -2.15
CA ALA A 45 -10.89 -10.73 -2.27
C ALA A 45 -10.34 -11.32 -0.95
N ALA A 46 -10.78 -10.80 0.16
CA ALA A 46 -10.30 -11.31 1.46
C ALA A 46 -10.81 -12.78 1.61
N ALA A 47 -12.06 -13.02 1.23
CA ALA A 47 -12.56 -14.41 1.41
C ALA A 47 -11.81 -15.31 0.46
N ARG A 48 -11.57 -14.90 -0.79
CA ARG A 48 -10.83 -15.77 -1.69
C ARG A 48 -9.36 -15.98 -1.29
N ALA A 49 -8.74 -14.93 -0.78
CA ALA A 49 -7.38 -15.06 -0.29
C ALA A 49 -7.29 -16.06 0.87
N SER A 50 -8.26 -15.90 1.80
CA SER A 50 -8.25 -16.84 2.96
C SER A 50 -8.48 -18.29 2.52
N GLU A 51 -9.38 -18.48 1.54
CA GLU A 51 -9.60 -19.86 1.05
C GLU A 51 -8.32 -20.46 0.47
N GLN A 52 -7.44 -19.58 -0.08
CA GLN A 52 -6.18 -20.05 -0.67
C GLN A 52 -5.06 -20.11 0.37
N GLY A 53 -5.37 -19.91 1.61
CA GLY A 53 -4.38 -20.02 2.74
C GLY A 53 -3.52 -18.78 2.79
N ALA A 54 -3.86 -17.68 2.14
CA ALA A 54 -3.10 -16.45 2.40
C ALA A 54 -3.38 -15.94 3.76
N GLN A 55 -2.31 -15.36 4.39
CA GLN A 55 -2.40 -14.89 5.75
C GLN A 55 -2.61 -13.39 5.83
N LEU A 56 -2.40 -12.67 4.73
CA LEU A 56 -2.53 -11.21 4.65
C LEU A 56 -2.97 -10.88 3.23
N LEU A 57 -3.83 -9.87 3.15
CA LEU A 57 -4.28 -9.30 1.87
C LEU A 57 -3.89 -7.80 1.82
N LEU A 58 -3.15 -7.43 0.81
CA LEU A 58 -2.81 -6.01 0.52
C LEU A 58 -3.74 -5.46 -0.54
N THR A 59 -4.33 -4.29 -0.28
CA THR A 59 -5.26 -3.63 -1.23
C THR A 59 -4.79 -2.30 -1.68
N PRO A 60 -5.34 -1.71 -2.73
CA PRO A 60 -4.68 -0.52 -3.35
C PRO A 60 -4.98 0.77 -2.69
N GLN A 61 -4.23 1.83 -3.13
CA GLN A 61 -4.33 3.14 -2.45
C GLN A 61 -5.75 3.77 -2.65
N LEU A 62 -6.32 4.28 -1.58
CA LEU A 62 -7.64 4.93 -1.63
C LEU A 62 -8.69 4.07 -2.30
N PHE A 63 -8.59 2.75 -2.19
CA PHE A 63 -9.55 1.95 -3.00
C PHE A 63 -11.01 2.19 -2.57
N GLY A 64 -11.23 2.44 -1.30
CA GLY A 64 -12.57 2.39 -0.74
C GLY A 64 -13.43 3.47 -1.37
N PHE A 65 -12.84 4.64 -1.67
CA PHE A 65 -13.60 5.70 -2.27
C PHE A 65 -13.26 5.95 -3.72
N GLY A 66 -12.37 5.13 -4.29
CA GLY A 66 -11.77 5.35 -5.55
C GLY A 66 -10.62 6.42 -5.47
N TYR A 67 -9.77 6.36 -6.47
CA TYR A 67 -8.66 7.36 -6.52
C TYR A 67 -9.19 8.62 -7.20
N VAL A 68 -9.83 9.45 -6.36
CA VAL A 68 -10.45 10.71 -6.83
C VAL A 68 -10.14 11.78 -5.80
N PRO A 69 -8.84 12.22 -5.66
CA PRO A 69 -8.52 13.14 -4.56
C PRO A 69 -9.41 14.38 -4.37
N SER A 70 -9.63 15.12 -5.48
CA SER A 70 -10.43 16.32 -5.32
C SER A 70 -11.84 15.99 -4.92
N GLN A 71 -12.44 14.90 -5.42
CA GLN A 71 -13.80 14.60 -4.95
C GLN A 71 -13.87 14.02 -3.57
N ILE A 72 -12.78 13.33 -3.09
CA ILE A 72 -12.75 12.91 -1.70
C ILE A 72 -12.75 14.15 -0.80
N CYS A 73 -11.88 15.12 -1.17
CA CYS A 73 -11.86 16.38 -0.38
C CYS A 73 -13.24 17.08 -0.40
N ALA A 74 -13.87 17.09 -1.54
CA ALA A 74 -15.17 17.89 -1.68
C ALA A 74 -16.35 17.15 -1.04
N GLN A 75 -16.40 15.82 -1.11
CA GLN A 75 -17.66 15.12 -0.82
C GLN A 75 -17.58 14.03 0.14
N VAL A 76 -16.37 13.56 0.56
CA VAL A 76 -16.36 12.42 1.50
C VAL A 76 -16.09 12.90 2.93
N SER A 77 -17.10 12.71 3.82
CA SER A 77 -17.01 13.23 5.14
C SER A 77 -16.19 12.33 6.10
N ALA A 78 -15.77 12.90 7.23
CA ALA A 78 -15.10 12.08 8.29
C ALA A 78 -15.94 10.91 8.71
N GLU A 79 -17.31 11.11 8.83
CA GLU A 79 -18.20 9.97 9.17
C GLU A 79 -18.18 8.89 8.12
N GLN A 80 -18.18 9.27 6.89
CA GLN A 80 -18.16 8.20 5.83
C GLN A 80 -16.82 7.45 5.86
N VAL A 81 -15.71 8.19 6.11
CA VAL A 81 -14.42 7.49 6.19
C VAL A 81 -14.40 6.53 7.37
N ASP A 82 -14.95 6.98 8.53
CA ASP A 82 -14.96 6.10 9.70
C ASP A 82 -15.85 4.86 9.46
N ALA A 83 -16.95 5.02 8.72
CA ALA A 83 -17.79 3.81 8.44
C ALA A 83 -17.04 2.81 7.54
N ALA A 84 -16.31 3.36 6.56
CA ALA A 84 -15.51 2.44 5.68
C ALA A 84 -14.41 1.79 6.52
N ARG A 85 -13.74 2.53 7.40
CA ARG A 85 -12.69 1.93 8.25
C ARG A 85 -13.26 0.79 9.09
N SER A 86 -14.43 1.08 9.75
CA SER A 86 -15.09 0.00 10.56
C SER A 86 -15.44 -1.20 9.70
N ARG A 87 -15.94 -0.97 8.51
CA ARG A 87 -16.23 -2.11 7.65
C ARG A 87 -14.96 -2.90 7.35
N LEU A 88 -13.85 -2.20 7.04
CA LEU A 88 -12.59 -2.93 6.69
C LEU A 88 -12.04 -3.73 7.92
N ARG A 89 -12.11 -3.10 9.14
CA ARG A 89 -11.69 -3.89 10.35
C ARG A 89 -12.54 -5.14 10.42
N GLY A 90 -13.83 -5.01 10.15
CA GLY A 90 -14.75 -6.18 10.20
C GLY A 90 -14.41 -7.23 9.22
N ILE A 91 -13.97 -6.82 8.01
CA ILE A 91 -13.56 -7.81 6.97
C ILE A 91 -12.34 -8.61 7.45
N ALA A 92 -11.34 -7.91 8.01
CA ALA A 92 -10.13 -8.61 8.48
C ALA A 92 -10.57 -9.68 9.54
N ARG A 93 -11.39 -9.23 10.48
CA ARG A 93 -11.86 -10.19 11.53
C ARG A 93 -12.69 -11.31 10.92
N ASP A 94 -13.67 -10.98 10.17
CA ASP A 94 -14.68 -11.97 9.71
C ASP A 94 -14.20 -12.87 8.63
N ARG A 95 -13.21 -12.43 7.84
CA ARG A 95 -12.56 -13.28 6.84
C ARG A 95 -11.29 -13.93 7.39
N GLY A 96 -10.98 -13.61 8.63
CA GLY A 96 -9.82 -14.23 9.29
C GLY A 96 -8.49 -14.03 8.59
N ILE A 97 -8.21 -12.75 8.23
CA ILE A 97 -6.97 -12.55 7.40
C ILE A 97 -6.49 -11.16 7.75
N ALA A 98 -5.17 -11.01 7.90
CA ALA A 98 -4.66 -9.63 8.06
C ALA A 98 -4.98 -8.82 6.80
N LEU A 99 -5.13 -7.52 6.93
CA LEU A 99 -5.56 -6.68 5.83
C LEU A 99 -4.87 -5.39 5.85
N VAL A 100 -4.31 -5.01 4.72
CA VAL A 100 -3.73 -3.64 4.59
C VAL A 100 -4.62 -2.85 3.64
N TRP A 101 -5.15 -1.76 4.12
CA TRP A 101 -6.00 -0.89 3.28
C TRP A 101 -5.50 0.52 3.31
N SER A 102 -6.07 1.38 2.46
CA SER A 102 -5.66 2.76 2.37
C SER A 102 -6.90 3.64 2.19
N LEU A 103 -7.11 4.49 3.15
CA LEU A 103 -8.29 5.42 3.14
C LEU A 103 -7.75 6.79 3.42
N PRO A 104 -8.58 7.83 3.21
CA PRO A 104 -8.26 9.11 3.88
C PRO A 104 -8.12 8.91 5.34
N GLY A 105 -7.31 9.76 5.96
CA GLY A 105 -7.19 9.70 7.41
C GLY A 105 -8.45 10.11 8.17
N PRO A 106 -8.41 10.05 9.45
CA PRO A 106 -9.67 10.12 10.23
C PRO A 106 -10.15 11.54 10.51
N GLU A 107 -9.36 12.58 10.33
CA GLU A 107 -9.68 13.95 10.69
C GLU A 107 -10.64 14.56 9.69
N GLY A 108 -10.98 15.86 9.90
CA GLY A 108 -11.86 16.49 8.94
C GLY A 108 -11.21 16.58 7.54
N PRO A 109 -12.00 16.89 6.52
CA PRO A 109 -11.49 16.83 5.14
C PRO A 109 -10.37 17.79 4.90
N GLU A 110 -10.28 18.85 5.68
CA GLU A 110 -9.26 19.89 5.50
C GLU A 110 -7.97 19.54 6.32
N GLN A 111 -8.01 18.50 7.16
CA GLN A 111 -6.87 18.20 8.01
C GLN A 111 -6.31 16.81 7.79
N ARG A 112 -6.96 15.93 7.10
CA ARG A 112 -6.48 14.53 6.99
C ARG A 112 -5.57 14.30 5.79
N GLY A 113 -4.82 13.22 5.96
CA GLY A 113 -3.93 12.78 4.88
C GLY A 113 -4.48 11.55 4.15
N ILE A 114 -3.60 10.87 3.35
CA ILE A 114 -3.86 9.54 2.81
C ILE A 114 -3.18 8.59 3.73
N THR A 115 -3.81 7.59 4.17
CA THR A 115 -3.19 6.66 5.11
C THR A 115 -3.13 5.27 4.58
N ALA A 116 -2.34 4.44 5.23
CA ALA A 116 -2.41 3.00 5.06
C ALA A 116 -2.47 2.39 6.46
N GLU A 117 -3.29 1.38 6.63
CA GLU A 117 -3.33 0.69 7.91
C GLU A 117 -3.26 -0.74 7.75
N LEU A 118 -2.74 -1.41 8.79
CA LEU A 118 -2.68 -2.92 8.81
C LEU A 118 -3.54 -3.37 9.99
N ALA A 119 -4.49 -4.22 9.72
CA ALA A 119 -5.19 -4.92 10.81
C ALA A 119 -4.79 -6.34 10.74
N ASP A 120 -4.70 -6.98 11.91
CA ASP A 120 -4.40 -8.44 11.94
C ASP A 120 -5.67 -9.21 11.71
N GLU A 121 -5.52 -10.53 11.72
CA GLU A 121 -6.70 -11.42 11.44
C GLU A 121 -7.73 -11.38 12.58
N HIS A 122 -7.41 -10.71 13.68
CA HIS A 122 -8.41 -10.42 14.76
C HIS A 122 -9.10 -9.17 14.65
N GLY A 123 -8.76 -8.34 13.62
CA GLY A 123 -9.34 -7.04 13.52
C GLY A 123 -8.69 -5.99 14.34
N GLU A 124 -7.57 -6.27 14.96
CA GLU A 124 -6.81 -5.26 15.74
C GLU A 124 -5.97 -4.42 14.75
N VAL A 125 -6.03 -3.10 14.86
CA VAL A 125 -5.24 -2.23 13.95
C VAL A 125 -3.86 -2.15 14.51
N LEU A 126 -2.88 -2.77 13.89
CA LEU A 126 -1.52 -2.81 14.41
C LEU A 126 -0.79 -1.57 14.07
N ALA A 127 -1.00 -0.98 12.89
CA ALA A 127 -0.19 0.14 12.50
C ALA A 127 -0.97 1.02 11.60
N SER A 128 -0.68 2.32 11.63
CA SER A 128 -1.34 3.36 10.80
C SER A 128 -0.23 4.24 10.32
N TYR A 129 -0.19 4.57 9.05
CA TYR A 129 0.86 5.40 8.46
C TYR A 129 0.23 6.45 7.58
N GLN A 130 0.68 7.66 7.61
CA GLN A 130 0.22 8.76 6.76
C GLN A 130 1.25 9.05 5.67
N LYS A 131 0.83 8.97 4.42
CA LYS A 131 1.67 9.21 3.25
C LYS A 131 2.46 10.49 3.40
N VAL A 132 3.76 10.40 3.30
CA VAL A 132 4.69 11.56 3.45
C VAL A 132 4.84 12.33 2.16
N GLN A 133 4.99 11.57 1.06
CA GLN A 133 5.25 12.18 -0.27
C GLN A 133 4.01 12.19 -1.11
N LEU A 134 3.27 13.29 -1.02
CA LEU A 134 2.03 13.42 -1.86
C LEU A 134 2.39 13.63 -3.29
N TYR A 135 1.55 13.16 -4.20
CA TYR A 135 1.90 13.14 -5.64
C TYR A 135 1.04 14.15 -6.36
N GLY A 136 1.63 15.24 -6.83
CA GLY A 136 0.93 16.22 -7.71
C GLY A 136 0.06 17.17 -6.95
N PRO A 137 -0.44 18.17 -7.69
CA PRO A 137 -1.13 19.27 -7.03
C PRO A 137 -2.47 18.89 -6.52
N GLU A 138 -3.18 17.92 -7.17
CA GLU A 138 -4.47 17.57 -6.67
CA GLU A 138 -4.45 17.61 -6.63
C GLU A 138 -4.39 16.86 -5.31
N GLU A 139 -3.45 15.93 -5.13
CA GLU A 139 -3.26 15.40 -3.79
C GLU A 139 -2.84 16.42 -2.77
N LYS A 140 -1.95 17.33 -3.20
CA LYS A 140 -1.48 18.31 -2.23
C LYS A 140 -2.55 19.24 -1.81
N ALA A 141 -3.56 19.53 -2.67
CA ALA A 141 -4.69 20.36 -2.21
C ALA A 141 -5.66 19.56 -1.37
N ALA A 142 -5.81 18.28 -1.69
CA ALA A 142 -6.87 17.51 -1.01
C ALA A 142 -6.43 16.89 0.34
N PHE A 143 -5.12 16.78 0.60
CA PHE A 143 -4.63 16.04 1.76
C PHE A 143 -3.45 16.76 2.38
N VAL A 144 -3.25 16.47 3.65
CA VAL A 144 -2.09 16.99 4.44
C VAL A 144 -1.02 15.86 4.40
N PRO A 145 0.24 16.20 4.12
CA PRO A 145 1.29 15.16 4.14
C PRO A 145 1.62 14.68 5.51
N GLY A 146 2.01 13.42 5.62
CA GLY A 146 2.47 12.83 6.90
C GLY A 146 3.84 13.43 7.27
N GLU A 147 4.09 13.31 8.55
CA GLU A 147 5.36 13.82 9.12
C GLU A 147 6.09 12.77 9.88
N GLN A 148 5.66 11.54 9.87
CA GLN A 148 6.28 10.49 10.67
C GLN A 148 6.93 9.45 9.76
N PRO A 149 8.01 8.77 10.18
CA PRO A 149 8.64 7.73 9.40
C PRO A 149 7.72 6.51 9.28
N PRO A 150 7.95 5.66 8.33
CA PRO A 150 7.10 4.44 8.18
C PRO A 150 7.23 3.54 9.42
N PRO A 151 6.14 2.92 9.83
CA PRO A 151 6.19 1.98 10.96
C PRO A 151 6.81 0.70 10.58
N VAL A 152 7.41 0.00 11.55
CA VAL A 152 8.03 -1.30 11.33
C VAL A 152 7.59 -2.19 12.49
N LEU A 153 7.00 -3.33 12.19
CA LEU A 153 6.44 -4.20 13.29
C LEU A 153 6.52 -5.63 12.96
N SER A 154 6.62 -6.49 14.00
CA SER A 154 6.62 -7.93 13.76
C SER A 154 5.26 -8.47 13.43
N TRP A 155 5.20 -9.24 12.38
CA TRP A 155 3.97 -9.96 12.01
C TRP A 155 4.36 -11.09 11.21
N GLY A 156 3.78 -12.26 11.59
CA GLY A 156 3.98 -13.44 10.71
C GLY A 156 5.40 -13.93 10.64
N GLY A 157 6.27 -13.60 11.59
CA GLY A 157 7.64 -14.05 11.58
C GLY A 157 8.68 -13.07 10.95
N ARG A 158 8.20 -11.91 10.47
CA ARG A 158 9.15 -10.93 9.91
C ARG A 158 8.76 -9.53 10.32
N GLN A 159 9.63 -8.58 10.03
CA GLN A 159 9.33 -7.14 10.27
C GLN A 159 8.67 -6.57 9.04
N LEU A 160 7.44 -6.14 9.22
CA LEU A 160 6.63 -5.52 8.09
C LEU A 160 6.70 -4.04 8.20
N SER A 161 6.51 -3.35 7.09
CA SER A 161 6.36 -1.91 7.08
C SER A 161 5.37 -1.47 6.02
N LEU A 162 4.93 -0.21 6.10
CA LEU A 162 3.94 0.33 5.17
C LEU A 162 4.45 1.58 4.53
N LEU A 163 4.23 1.79 3.25
CA LEU A 163 4.40 3.04 2.53
C LEU A 163 3.26 3.18 1.55
N VAL A 164 3.07 4.39 0.97
CA VAL A 164 1.92 4.51 0.01
C VAL A 164 2.44 5.10 -1.27
N CYS A 165 2.16 4.40 -2.39
CA CYS A 165 2.50 4.79 -3.80
C CYS A 165 3.76 5.64 -3.99
N TYR A 166 3.63 6.92 -4.28
CA TYR A 166 4.80 7.80 -4.61
C TYR A 166 5.89 7.67 -3.53
N ASP A 167 5.54 7.40 -2.27
CA ASP A 167 6.65 7.23 -1.26
C ASP A 167 7.71 6.25 -1.75
N VAL A 168 7.34 5.11 -2.30
CA VAL A 168 8.32 4.06 -2.61
C VAL A 168 9.26 4.49 -3.72
N GLU A 169 8.93 5.54 -4.44
CA GLU A 169 9.81 6.00 -5.51
C GLU A 169 10.97 6.81 -4.98
N PHE A 170 10.93 7.16 -3.71
CA PHE A 170 12.09 7.87 -3.03
C PHE A 170 12.89 6.86 -2.29
N PRO A 171 14.18 6.65 -2.67
CA PRO A 171 14.98 5.69 -1.95
C PRO A 171 15.01 6.00 -0.44
N GLU A 172 14.95 7.28 -0.07
CA GLU A 172 15.01 7.68 1.34
C GLU A 172 13.84 7.06 2.14
N MET A 173 12.68 6.90 1.47
CA MET A 173 11.51 6.41 2.25
C MET A 173 11.60 4.95 2.52
N VAL A 174 12.15 4.18 1.57
CA VAL A 174 12.35 2.77 1.78
C VAL A 174 13.54 2.56 2.74
N ARG A 175 14.61 3.36 2.56
CA ARG A 175 15.73 3.23 3.49
C ARG A 175 15.26 3.58 4.94
N ALA A 176 14.33 4.50 5.07
CA ALA A 176 13.85 4.83 6.46
C ALA A 176 13.23 3.58 7.06
N ALA A 177 12.43 2.86 6.28
CA ALA A 177 11.83 1.62 6.83
C ALA A 177 12.89 0.56 7.12
N ALA A 178 13.82 0.33 6.15
CA ALA A 178 14.82 -0.70 6.36
C ALA A 178 15.78 -0.38 7.50
N ALA A 179 16.03 0.93 7.75
CA ALA A 179 16.92 1.34 8.87
C ALA A 179 16.26 0.93 10.19
N ARG A 180 14.92 0.87 10.25
CA ARG A 180 14.16 0.52 11.51
C ARG A 180 13.90 -1.01 11.49
N GLY A 181 14.49 -1.76 10.59
CA GLY A 181 14.43 -3.20 10.64
C GLY A 181 13.48 -3.87 9.62
N ALA A 182 12.86 -3.06 8.77
CA ALA A 182 11.84 -3.69 7.86
C ALA A 182 12.44 -4.73 6.97
N GLN A 183 11.68 -5.81 6.78
CA GLN A 183 12.08 -6.89 5.82
C GLN A 183 11.06 -7.03 4.72
N LEU A 184 9.83 -6.64 4.94
CA LEU A 184 8.72 -6.76 3.97
C LEU A 184 7.95 -5.45 3.95
N VAL A 185 8.03 -4.68 2.87
CA VAL A 185 7.39 -3.39 2.78
C VAL A 185 6.12 -3.55 1.93
N LEU A 186 4.98 -3.15 2.43
CA LEU A 186 3.66 -3.36 1.76
C LEU A 186 3.19 -1.99 1.30
N VAL A 187 2.81 -1.87 0.00
CA VAL A 187 2.60 -0.57 -0.62
C VAL A 187 1.28 -0.60 -1.38
N PRO A 188 0.22 -0.05 -0.78
CA PRO A 188 -1.02 0.27 -1.61
C PRO A 188 -0.64 1.33 -2.63
N THR A 189 -1.06 1.11 -3.90
CA THR A 189 -0.69 2.05 -4.95
CA THR A 189 -0.68 2.04 -4.96
C THR A 189 -1.82 2.42 -5.84
N ALA A 190 -1.66 3.48 -6.60
CA ALA A 190 -2.66 3.90 -7.65
C ALA A 190 -1.84 4.57 -8.69
N LEU A 191 -1.28 3.75 -9.57
CA LEU A 191 -0.29 4.18 -10.57
C LEU A 191 -0.96 4.06 -11.96
N ALA A 192 -1.08 5.21 -12.66
CA ALA A 192 -1.74 5.27 -13.98
C ALA A 192 -0.75 5.91 -15.00
N GLY A 193 -1.12 5.80 -16.27
CA GLY A 193 -0.33 6.56 -17.27
C GLY A 193 0.76 5.72 -17.86
N ASP A 194 0.75 4.44 -17.64
CA ASP A 194 1.79 3.54 -18.26
C ASP A 194 3.16 3.92 -17.76
N GLU A 195 3.29 4.10 -16.43
CA GLU A 195 4.52 4.51 -15.80
C GLU A 195 5.30 3.27 -15.50
N THR A 196 5.87 2.66 -16.56
CA THR A 196 6.58 1.40 -16.44
C THR A 196 7.83 1.47 -15.58
N SER A 197 8.39 2.66 -15.44
CA SER A 197 9.65 2.71 -14.72
C SER A 197 9.47 2.43 -13.26
N VAL A 198 8.27 2.64 -12.67
CA VAL A 198 8.16 2.39 -11.23
C VAL A 198 8.29 0.92 -10.88
N PRO A 199 7.43 0.02 -11.42
CA PRO A 199 7.63 -1.38 -11.14
C PRO A 199 8.78 -1.98 -11.88
N GLY A 200 9.16 -1.41 -13.02
CA GLY A 200 10.19 -2.00 -13.89
C GLY A 200 11.62 -1.70 -13.41
N ILE A 201 11.82 -0.48 -12.90
CA ILE A 201 13.18 0.01 -12.60
C ILE A 201 13.25 0.34 -11.12
N LEU A 202 12.35 1.13 -10.59
CA LEU A 202 12.57 1.57 -9.20
C LEU A 202 12.33 0.49 -8.13
N LEU A 203 11.23 -0.31 -8.25
CA LEU A 203 10.97 -1.28 -7.22
C LEU A 203 12.06 -2.30 -7.09
N PRO A 204 12.59 -2.83 -8.22
CA PRO A 204 13.66 -3.80 -8.05
C PRO A 204 14.88 -3.17 -7.36
N ALA A 205 15.19 -1.91 -7.62
CA ALA A 205 16.33 -1.30 -6.91
C ALA A 205 16.01 -1.09 -5.45
N ARG A 206 14.80 -0.73 -5.08
CA ARG A 206 14.47 -0.54 -3.67
C ARG A 206 14.71 -1.85 -2.92
N ALA A 207 14.32 -3.01 -3.56
CA ALA A 207 14.55 -4.31 -2.94
C ALA A 207 16.02 -4.59 -2.79
N VAL A 208 16.78 -4.48 -3.91
CA VAL A 208 18.21 -4.89 -3.85
C VAL A 208 19.00 -3.93 -2.93
N GLU A 209 18.75 -2.63 -3.01
CA GLU A 209 19.66 -1.69 -2.32
C GLU A 209 19.42 -1.74 -0.81
N ASN A 210 18.34 -2.36 -0.32
CA ASN A 210 18.09 -2.61 1.09
C ASN A 210 18.13 -4.07 1.49
N GLY A 211 18.08 -4.97 0.53
CA GLY A 211 18.00 -6.42 0.87
C GLY A 211 16.61 -6.83 1.41
N ILE A 212 15.52 -6.27 0.85
CA ILE A 212 14.19 -6.51 1.39
C ILE A 212 13.24 -6.95 0.27
N THR A 213 12.02 -7.38 0.69
CA THR A 213 10.91 -7.76 -0.25
C THR A 213 9.95 -6.60 -0.25
N LEU A 214 9.37 -6.30 -1.37
CA LEU A 214 8.29 -5.23 -1.46
C LEU A 214 7.11 -5.76 -2.18
N ALA A 215 5.91 -5.44 -1.72
CA ALA A 215 4.65 -5.84 -2.39
C ALA A 215 3.94 -4.58 -2.77
N TYR A 216 3.43 -4.55 -3.98
CA TYR A 216 2.87 -3.35 -4.59
CA TYR A 216 2.85 -3.35 -4.54
C TYR A 216 1.50 -3.67 -5.18
N ALA A 217 0.41 -3.18 -4.64
CA ALA A 217 -0.95 -3.56 -5.15
C ALA A 217 -1.62 -2.37 -5.74
N ASN A 218 -1.83 -2.42 -7.06
CA ASN A 218 -2.36 -1.34 -7.81
C ASN A 218 -3.83 -1.52 -8.19
N HIS A 219 -4.46 -0.39 -8.50
CA HIS A 219 -5.72 -0.43 -9.31
C HIS A 219 -5.36 -0.86 -10.69
N CYS A 220 -6.43 -1.20 -11.48
CA CYS A 220 -6.24 -1.48 -12.93
C CYS A 220 -7.50 -0.97 -13.67
N GLY A 221 -7.21 -0.53 -14.88
CA GLY A 221 -8.40 -0.18 -15.76
C GLY A 221 -8.86 1.25 -15.50
N PRO A 222 -9.86 1.70 -16.22
CA PRO A 222 -10.28 3.07 -16.15
C PRO A 222 -11.06 3.33 -14.84
N GLU A 223 -10.62 4.42 -14.21
CA GLU A 223 -11.29 4.79 -12.94
C GLU A 223 -11.01 6.27 -12.73
N GLY A 224 -12.08 7.06 -12.43
CA GLY A 224 -11.89 8.47 -12.07
C GLY A 224 -11.18 9.26 -13.18
N GLY A 225 -11.40 8.83 -14.44
CA GLY A 225 -10.76 9.58 -15.58
C GLY A 225 -9.32 9.21 -15.89
N LEU A 226 -8.74 8.26 -15.13
CA LEU A 226 -7.39 7.75 -15.38
C LEU A 226 -7.48 6.31 -15.76
N VAL A 227 -6.39 5.81 -16.41
CA VAL A 227 -6.33 4.37 -16.74
C VAL A 227 -5.15 3.80 -15.92
N PHE A 228 -5.55 3.01 -14.88
CA PHE A 228 -4.54 2.45 -14.02
C PHE A 228 -3.84 1.29 -14.65
N ASP A 229 -2.55 1.18 -14.31
CA ASP A 229 -1.64 0.25 -15.04
C ASP A 229 -1.77 -1.21 -14.64
N GLY A 230 -2.40 -1.52 -13.51
CA GLY A 230 -2.30 -2.86 -13.00
C GLY A 230 -0.77 -3.13 -12.73
N GLY A 231 -0.26 -4.30 -13.04
CA GLY A 231 1.15 -4.60 -12.83
C GLY A 231 1.46 -4.81 -11.35
N SER A 232 0.50 -5.17 -10.52
CA SER A 232 0.81 -5.49 -9.11
C SER A 232 1.86 -6.57 -9.04
N VAL A 233 2.76 -6.48 -8.05
CA VAL A 233 3.96 -7.29 -8.09
C VAL A 233 4.53 -7.46 -6.71
N VAL A 234 5.15 -8.58 -6.43
CA VAL A 234 6.00 -8.77 -5.24
C VAL A 234 7.40 -8.96 -5.70
N VAL A 235 8.34 -8.15 -5.23
CA VAL A 235 9.73 -8.23 -5.67
C VAL A 235 10.58 -8.68 -4.51
N GLY A 236 11.40 -9.74 -4.66
CA GLY A 236 12.25 -10.22 -3.63
C GLY A 236 13.58 -9.45 -3.53
N PRO A 237 14.43 -9.89 -2.58
CA PRO A 237 15.63 -9.09 -2.29
C PRO A 237 16.64 -9.09 -3.39
N ALA A 238 16.58 -10.01 -4.34
CA ALA A 238 17.44 -9.90 -5.51
C ALA A 238 16.84 -9.08 -6.67
N GLY A 239 15.70 -8.44 -6.43
CA GLY A 239 15.05 -7.58 -7.41
C GLY A 239 14.16 -8.33 -8.41
N GLN A 240 13.97 -9.60 -8.17
CA GLN A 240 13.19 -10.41 -9.12
C GLN A 240 11.71 -10.46 -8.73
N PRO A 241 10.82 -10.53 -9.69
CA PRO A 241 9.40 -10.67 -9.32
C PRO A 241 9.17 -12.05 -8.74
N LEU A 242 8.58 -12.20 -7.60
CA LEU A 242 8.10 -13.47 -7.09
C LEU A 242 6.72 -13.79 -7.61
N GLY A 243 6.00 -12.78 -8.04
CA GLY A 243 4.67 -12.96 -8.69
C GLY A 243 4.31 -11.63 -9.27
N GLU A 244 3.48 -11.62 -10.29
CA GLU A 244 3.13 -10.38 -10.96
CA GLU A 244 3.09 -10.37 -10.90
C GLU A 244 1.79 -10.51 -11.67
N LEU A 245 1.00 -9.48 -11.72
CA LEU A 245 -0.20 -9.47 -12.58
C LEU A 245 0.04 -8.57 -13.78
N GLY A 246 -0.88 -8.70 -14.77
CA GLY A 246 -0.92 -7.75 -15.91
C GLY A 246 -1.88 -6.64 -15.68
N VAL A 247 -2.71 -6.35 -16.66
CA VAL A 247 -3.64 -5.19 -16.59
C VAL A 247 -5.07 -5.49 -16.15
N GLU A 248 -5.37 -6.79 -15.97
CA GLU A 248 -6.75 -7.11 -15.61
C GLU A 248 -6.95 -7.36 -14.11
N PRO A 249 -8.15 -7.26 -13.60
CA PRO A 249 -8.33 -7.57 -12.20
C PRO A 249 -7.80 -8.93 -11.83
N GLY A 250 -7.24 -9.05 -10.65
CA GLY A 250 -6.79 -10.38 -10.18
C GLY A 250 -6.39 -10.38 -8.76
N LEU A 251 -6.17 -11.58 -8.25
CA LEU A 251 -5.74 -11.78 -6.88
C LEU A 251 -4.48 -12.55 -6.91
N LEU A 252 -3.35 -11.84 -6.65
CA LEU A 252 -2.02 -12.45 -6.76
C LEU A 252 -1.67 -13.08 -5.44
N VAL A 253 -1.33 -14.36 -5.37
CA VAL A 253 -1.02 -15.07 -4.13
C VAL A 253 0.39 -15.57 -4.25
N VAL A 254 1.23 -15.16 -3.32
CA VAL A 254 2.66 -15.46 -3.38
C VAL A 254 3.13 -16.09 -2.08
N ASP A 255 3.93 -17.17 -2.16
CA ASP A 255 4.61 -17.73 -0.99
C ASP A 255 5.98 -17.04 -0.88
N LEU A 256 6.20 -16.43 0.21
CA LEU A 256 7.52 -15.74 0.43
C LEU A 256 8.50 -16.84 0.95
N PRO A 257 9.73 -16.83 0.47
CA PRO A 257 10.70 -17.79 1.15
C PRO A 257 11.22 -17.33 2.50
N ALA A 268 30.73 -6.92 2.69
CA ALA A 268 29.90 -5.69 2.31
C ALA A 268 28.42 -5.92 2.39
N ASP A 269 27.65 -4.89 2.79
CA ASP A 269 26.21 -5.06 3.15
C ASP A 269 25.72 -3.62 3.24
N TYR A 270 24.77 -3.29 2.38
CA TYR A 270 24.43 -1.84 2.23
C TYR A 270 23.96 -1.17 3.51
N LEU A 271 23.08 -1.87 4.24
CA LEU A 271 22.52 -1.24 5.44
C LEU A 271 23.57 -0.94 6.50
N GLN A 272 24.57 -1.83 6.64
CA GLN A 272 25.63 -1.53 7.62
CA GLN A 272 25.61 -1.52 7.61
C GLN A 272 26.67 -0.56 7.04
N ASP A 273 26.98 -0.73 5.76
CA ASP A 273 28.10 0.06 5.23
C ASP A 273 27.79 1.51 4.97
N ARG A 274 26.50 1.86 4.68
CA ARG A 274 26.15 3.22 4.31
C ARG A 274 26.68 4.14 5.42
N ARG A 275 27.25 5.23 5.00
CA ARG A 275 27.81 6.21 5.94
C ARG A 275 26.73 7.25 6.28
N ALA A 276 25.77 6.78 7.08
CA ALA A 276 24.57 7.60 7.29
C ALA A 276 24.80 8.93 7.92
N GLU A 277 25.85 9.05 8.74
CA GLU A 277 26.16 10.32 9.36
C GLU A 277 26.64 11.36 8.39
N LEU A 278 27.27 10.95 7.28
CA LEU A 278 27.56 11.83 6.20
C LEU A 278 26.39 12.05 5.26
N HIS A 279 25.69 10.97 4.90
CA HIS A 279 24.57 11.11 3.97
C HIS A 279 23.54 12.08 4.53
N ARG A 280 23.29 12.04 5.83
CA ARG A 280 22.24 12.88 6.35
C ARG A 280 22.59 14.33 6.18
N ASN A 281 23.84 14.72 6.10
CA ASN A 281 24.22 16.08 5.86
C ASN A 281 24.25 16.52 4.43
N TRP A 282 24.13 15.56 3.49
CA TRP A 282 24.34 15.85 2.05
C TRP A 282 23.04 15.75 1.23
N LEU A 283 21.96 15.42 1.92
CA LEU A 283 20.61 15.44 1.19
C LEU A 283 20.14 16.82 0.99
CA ROP B . -10.17 18.69 1.08
CB ROP B . -9.23 19.84 1.68
CG ROP B . -10.14 21.02 2.01
OD1 ROP B . -9.79 22.09 1.76
ND2 ROP B . -11.35 20.83 2.48
CA ROP C . 2.06 6.47 -7.08
CB ROP C . 1.15 7.59 -7.51
CG ROP C . 0.50 8.32 -6.35
OD1 ROP C . 1.15 8.30 -5.26
ND2 ROP C . -0.73 8.93 -6.53
C3 1HC D . -20.31 -0.73 2.92
C2 1HC D . -20.04 0.59 2.85
C1 1HC D . -19.66 1.35 4.09
O 1HC D . -18.60 2.13 4.11
N 1HC D . -20.54 1.06 5.11
#